data_7ER7
#
_entry.id   7ER7
#
_cell.length_a   82.253
_cell.length_b   117.859
_cell.length_c   42.023
_cell.angle_alpha   90.000
_cell.angle_beta   90.000
_cell.angle_gamma   90.000
#
_symmetry.space_group_name_H-M   'P 21 21 2'
#
loop_
_entity.id
_entity.type
_entity.pdbx_description
1 polymer 'Flavin reductase (NADPH)'
2 non-polymer 'NADP NICOTINAMIDE-ADENINE-DINUCLEOTIDE PHOSPHATE'
3 non-polymer '4-[(5,5,8,8-tetramethyl-5,6,7,8-tetrahydronaphthalen-2-yl)carbamoyl]benzoic acid'
4 non-polymer 'SULFATE ION'
5 water water
#
_entity_poly.entity_id   1
_entity_poly.type   'polypeptide(L)'
_entity_poly.pdbx_seq_one_letter_code
;HMAVKKIAIFGATGQTGLTTLAQAVQAGYEVTVLVRDSSRLPSEGPRPAHVVVGDVLQAADVDKTVAGQDAVIVLLGTRN
DLSPTTVMSEGARNIVAAMKAHGVDKVVACTSAFLLWDPTKVPPRLQAVTDDHIRMHKVLRESGLKYVAVMPPHIGDQPL
TGAYTVTLDGRGPSRVISKHDLGHFMLRCLTTDEYDGHSTYPSHQYQ
;
_entity_poly.pdbx_strand_id   A,B
#
loop_
_chem_comp.id
_chem_comp.type
_chem_comp.name
_chem_comp.formula
A80 non-polymer '4-[(5,5,8,8-tetramethyl-5,6,7,8-tetrahydronaphthalen-2-yl)carbamoyl]benzoic acid' 'C22 H25 N O3'
NAP non-polymer 'NADP NICOTINAMIDE-ADENINE-DINUCLEOTIDE PHOSPHATE' 'C21 H28 N7 O17 P3'
SO4 non-polymer 'SULFATE ION' 'O4 S -2'
#
# COMPACT_ATOMS: atom_id res chain seq x y z
N HIS A 1 36.72 -6.21 -4.18
CA HIS A 1 36.63 -7.29 -3.22
C HIS A 1 35.18 -7.76 -3.07
N MET A 2 34.26 -6.94 -3.61
CA MET A 2 32.95 -7.34 -4.14
C MET A 2 32.18 -8.33 -3.24
N ALA A 3 31.72 -7.82 -2.09
CA ALA A 3 30.61 -8.47 -1.42
C ALA A 3 29.31 -8.17 -2.14
N VAL A 4 28.97 -6.89 -2.26
CA VAL A 4 27.94 -6.42 -3.18
C VAL A 4 28.65 -5.82 -4.39
N LYS A 5 28.47 -6.44 -5.56
CA LYS A 5 29.08 -5.90 -6.78
C LYS A 5 28.12 -5.58 -7.90
N LYS A 6 27.15 -6.45 -8.15
CA LYS A 6 26.15 -6.19 -9.18
C LYS A 6 24.93 -5.56 -8.52
N ILE A 7 24.54 -4.38 -8.98
CA ILE A 7 23.35 -3.72 -8.43
C ILE A 7 22.47 -3.27 -9.58
N ALA A 8 21.17 -3.31 -9.34
CA ALA A 8 20.18 -2.68 -10.20
C ALA A 8 19.84 -1.32 -9.61
N ILE A 9 19.76 -0.30 -10.46
CA ILE A 9 19.28 1.01 -10.05
C ILE A 9 18.01 1.31 -10.85
N PHE A 10 16.91 1.53 -10.14
CA PHE A 10 15.67 2.02 -10.72
C PHE A 10 15.64 3.53 -10.51
N GLY A 11 15.28 4.26 -11.57
CA GLY A 11 15.28 5.70 -11.50
C GLY A 11 16.65 6.31 -11.69
N ALA A 12 17.53 5.63 -12.44
CA ALA A 12 18.90 6.10 -12.57
C ALA A 12 19.03 7.33 -13.44
N THR A 13 18.01 7.67 -14.24
CA THR A 13 18.10 8.85 -15.09
C THR A 13 17.56 10.12 -14.43
N GLY A 14 17.10 10.03 -13.17
CA GLY A 14 16.53 11.16 -12.47
C GLY A 14 17.59 11.98 -11.76
N GLN A 15 17.10 12.96 -10.99
CA GLN A 15 17.98 13.93 -10.33
C GLN A 15 19.01 13.23 -9.45
N THR A 16 18.53 12.43 -8.50
CA THR A 16 19.43 11.65 -7.65
C THR A 16 20.01 10.45 -8.37
N GLY A 17 19.24 9.80 -9.25
CA GLY A 17 19.75 8.62 -9.92
C GLY A 17 21.02 8.87 -10.71
N LEU A 18 21.11 10.01 -11.40
CA LEU A 18 22.25 10.21 -12.29
C LEU A 18 23.55 10.29 -11.51
N THR A 19 23.53 10.97 -10.35
CA THR A 19 24.76 11.04 -9.59
C THR A 19 25.00 9.75 -8.81
N THR A 20 23.94 9.05 -8.40
CA THR A 20 24.12 7.74 -7.81
C THR A 20 24.80 6.79 -8.80
N LEU A 21 24.34 6.83 -10.05
CA LEU A 21 24.94 6.02 -11.10
C LEU A 21 26.41 6.37 -11.30
N ALA A 22 26.73 7.67 -11.43
CA ALA A 22 28.12 8.08 -11.61
C ALA A 22 28.99 7.61 -10.47
N GLN A 23 28.52 7.81 -9.22
CA GLN A 23 29.29 7.40 -8.05
C GLN A 23 29.45 5.90 -8.00
N ALA A 24 28.41 5.16 -8.38
CA ALA A 24 28.46 3.70 -8.33
C ALA A 24 29.48 3.16 -9.33
N VAL A 25 29.49 3.71 -10.54
CA VAL A 25 30.43 3.28 -11.56
C VAL A 25 31.85 3.56 -11.10
N GLN A 26 32.10 4.74 -10.55
CA GLN A 26 33.45 5.06 -10.11
CA GLN A 26 33.43 5.11 -10.08
C GLN A 26 33.88 4.22 -8.93
N ALA A 27 32.94 3.84 -8.05
CA ALA A 27 33.24 2.95 -6.92
C ALA A 27 33.46 1.51 -7.34
N GLY A 28 33.26 1.18 -8.62
CA GLY A 28 33.53 -0.16 -9.12
C GLY A 28 32.35 -1.10 -9.17
N TYR A 29 31.14 -0.60 -8.97
CA TYR A 29 29.95 -1.46 -9.11
C TYR A 29 29.69 -1.78 -10.57
N GLU A 30 29.16 -2.98 -10.80
CA GLU A 30 28.63 -3.39 -12.09
C GLU A 30 27.14 -3.08 -12.08
N VAL A 31 26.74 -2.01 -12.75
CA VAL A 31 25.41 -1.43 -12.58
C VAL A 31 24.52 -1.82 -13.76
N THR A 32 23.31 -2.28 -13.45
CA THR A 32 22.23 -2.47 -14.42
C THR A 32 21.19 -1.40 -14.15
N VAL A 33 20.76 -0.70 -15.20
CA VAL A 33 19.68 0.28 -15.05
C VAL A 33 18.49 -0.16 -15.88
N LEU A 34 17.29 0.18 -15.39
CA LEU A 34 16.05 0.12 -16.17
C LEU A 34 15.67 1.54 -16.55
N VAL A 35 15.62 1.83 -17.85
CA VAL A 35 15.31 3.18 -18.33
C VAL A 35 14.18 3.10 -19.34
N ARG A 36 13.27 4.08 -19.28
CA ARG A 36 12.19 4.15 -20.26
C ARG A 36 12.70 4.61 -21.62
N ASP A 37 13.74 5.45 -21.60
CA ASP A 37 14.26 6.11 -22.80
CA ASP A 37 14.26 6.06 -22.82
C ASP A 37 15.77 6.21 -22.65
N SER A 38 16.53 5.46 -23.47
CA SER A 38 17.98 5.47 -23.41
C SER A 38 18.57 6.86 -23.59
N SER A 39 17.82 7.78 -24.20
CA SER A 39 18.31 9.13 -24.40
C SER A 39 18.46 9.89 -23.09
N ARG A 40 17.76 9.43 -22.04
CA ARG A 40 17.86 10.03 -20.71
C ARG A 40 19.22 9.77 -20.07
N LEU A 41 19.96 8.77 -20.55
CA LEU A 41 21.32 8.56 -20.06
C LEU A 41 22.28 9.50 -20.79
N PRO A 42 23.18 10.16 -20.07
CA PRO A 42 24.10 11.10 -20.72
C PRO A 42 25.01 10.40 -21.71
N SER A 43 25.11 10.96 -22.92
CA SER A 43 25.97 10.38 -23.94
C SER A 43 27.44 10.45 -23.55
N GLU A 44 27.83 11.52 -22.85
CA GLU A 44 29.20 11.67 -22.36
C GLU A 44 29.40 11.10 -20.97
N GLY A 45 28.32 10.93 -20.19
CA GLY A 45 28.44 10.52 -18.83
C GLY A 45 28.93 9.09 -18.69
N PRO A 46 29.08 8.64 -17.45
CA PRO A 46 29.56 7.28 -17.21
C PRO A 46 28.51 6.26 -17.62
N ARG A 47 28.97 5.16 -18.19
CA ARG A 47 28.04 4.17 -18.72
C ARG A 47 27.83 3.05 -17.72
N PRO A 48 26.58 2.69 -17.42
CA PRO A 48 26.34 1.46 -16.67
C PRO A 48 26.83 0.26 -17.45
N ALA A 49 26.98 -0.86 -16.74
CA ALA A 49 27.40 -2.10 -17.39
C ALA A 49 26.29 -2.69 -18.23
N HIS A 50 25.04 -2.48 -17.84
CA HIS A 50 23.91 -3.11 -18.52
C HIS A 50 22.73 -2.16 -18.53
N VAL A 51 22.09 -2.03 -19.68
CA VAL A 51 20.90 -1.19 -19.83
C VAL A 51 19.75 -2.09 -20.24
N VAL A 52 18.65 -2.03 -19.49
CA VAL A 52 17.38 -2.62 -19.90
C VAL A 52 16.46 -1.46 -20.25
N VAL A 53 15.93 -1.47 -21.46
CA VAL A 53 14.96 -0.47 -21.88
C VAL A 53 13.57 -1.03 -21.61
N GLY A 54 12.80 -0.33 -20.77
CA GLY A 54 11.47 -0.80 -20.44
C GLY A 54 10.87 0.06 -19.36
N ASP A 55 9.87 -0.48 -18.67
CA ASP A 55 9.04 0.27 -17.76
C ASP A 55 8.91 -0.49 -16.44
N VAL A 56 9.01 0.24 -15.31
CA VAL A 56 8.85 -0.42 -14.01
C VAL A 56 7.44 -0.96 -13.81
N LEU A 57 6.48 -0.52 -14.63
CA LEU A 57 5.12 -1.03 -14.60
C LEU A 57 4.95 -2.30 -15.43
N GLN A 58 6.01 -2.82 -16.03
CA GLN A 58 5.98 -4.15 -16.64
C GLN A 58 6.79 -5.10 -15.78
N ALA A 59 6.11 -6.05 -15.14
CA ALA A 59 6.79 -7.09 -14.38
C ALA A 59 7.92 -7.74 -15.17
N ALA A 60 7.72 -7.98 -16.48
CA ALA A 60 8.77 -8.60 -17.28
C ALA A 60 10.03 -7.75 -17.31
N ASP A 61 9.87 -6.43 -17.44
CA ASP A 61 11.04 -5.57 -17.53
C ASP A 61 11.77 -5.49 -16.19
N VAL A 62 11.01 -5.47 -15.09
CA VAL A 62 11.61 -5.45 -13.76
C VAL A 62 12.33 -6.75 -13.49
N ASP A 63 11.72 -7.87 -13.86
CA ASP A 63 12.37 -9.17 -13.70
C ASP A 63 13.70 -9.21 -14.43
N LYS A 64 13.75 -8.70 -15.66
CA LYS A 64 15.00 -8.71 -16.42
C LYS A 64 16.07 -7.86 -15.75
N THR A 65 15.64 -6.82 -15.05
CA THR A 65 16.58 -5.88 -14.42
C THR A 65 17.12 -6.46 -13.11
N VAL A 66 16.26 -7.17 -12.36
CA VAL A 66 16.65 -7.67 -11.05
C VAL A 66 17.42 -8.99 -11.16
N ALA A 67 17.21 -9.75 -12.22
CA ALA A 67 17.89 -11.04 -12.36
C ALA A 67 19.40 -10.87 -12.19
N GLY A 68 19.97 -11.71 -11.32
CA GLY A 68 21.42 -11.79 -11.19
C GLY A 68 22.07 -10.71 -10.35
N GLN A 69 21.29 -9.85 -9.70
CA GLN A 69 21.88 -8.77 -8.91
C GLN A 69 22.19 -9.21 -7.48
N ASP A 70 23.05 -8.43 -6.82
CA ASP A 70 23.31 -8.58 -5.40
C ASP A 70 22.39 -7.71 -4.55
N ALA A 71 21.90 -6.59 -5.11
CA ALA A 71 21.10 -5.65 -4.33
C ALA A 71 20.44 -4.68 -5.30
N VAL A 72 19.45 -3.94 -4.79
CA VAL A 72 18.62 -3.03 -5.60
C VAL A 72 18.58 -1.67 -4.93
N ILE A 73 18.77 -0.61 -5.72
CA ILE A 73 18.57 0.76 -5.26
C ILE A 73 17.36 1.32 -6.00
N VAL A 74 16.46 1.98 -5.27
CA VAL A 74 15.22 2.48 -5.87
C VAL A 74 15.16 3.99 -5.68
N LEU A 75 15.19 4.72 -6.80
CA LEU A 75 15.08 6.17 -6.87
C LEU A 75 14.01 6.56 -7.88
N LEU A 76 12.89 5.84 -7.86
CA LEU A 76 11.74 6.18 -8.70
C LEU A 76 11.09 7.46 -8.22
N GLY A 77 10.45 8.15 -9.16
CA GLY A 77 9.76 9.38 -8.83
C GLY A 77 9.04 9.87 -10.08
N THR A 78 8.33 10.99 -9.93
CA THR A 78 7.51 11.53 -11.01
C THR A 78 8.02 12.86 -11.51
N ARG A 79 9.31 13.14 -11.31
CA ARG A 79 9.95 14.42 -11.63
C ARG A 79 9.15 15.50 -10.91
N ASN A 80 8.68 16.55 -11.56
CA ASN A 80 7.98 17.57 -10.78
C ASN A 80 6.47 17.43 -10.87
N ASP A 81 5.97 16.29 -11.37
CA ASP A 81 4.54 16.07 -11.54
C ASP A 81 3.91 15.73 -10.19
N LEU A 82 2.95 16.56 -9.76
CA LEU A 82 2.31 16.38 -8.46
C LEU A 82 1.01 15.61 -8.56
N SER A 83 0.67 15.09 -9.73
CA SER A 83 -0.60 14.40 -9.95
C SER A 83 -0.67 13.12 -9.12
N PRO A 84 -1.88 12.70 -8.74
CA PRO A 84 -2.06 11.36 -8.17
C PRO A 84 -1.39 10.30 -9.05
N THR A 85 -0.76 9.31 -8.39
CA THR A 85 0.07 8.37 -9.11
C THR A 85 0.18 7.10 -8.28
N THR A 86 0.41 5.98 -8.98
CA THR A 86 0.80 4.74 -8.32
C THR A 86 2.09 4.16 -8.92
N VAL A 87 2.86 4.96 -9.64
CA VAL A 87 4.00 4.36 -10.34
C VAL A 87 5.04 3.85 -9.35
N MET A 88 5.23 4.55 -8.23
CA MET A 88 6.24 4.12 -7.26
C MET A 88 5.79 2.89 -6.48
N SER A 89 4.52 2.85 -6.05
CA SER A 89 4.06 1.71 -5.26
C SER A 89 3.90 0.47 -6.13
N GLU A 90 3.33 0.64 -7.33
CA GLU A 90 3.22 -0.50 -8.24
C GLU A 90 4.58 -0.96 -8.72
N GLY A 91 5.48 -0.02 -9.01
CA GLY A 91 6.84 -0.40 -9.34
C GLY A 91 7.50 -1.19 -8.21
N ALA A 92 7.32 -0.73 -6.96
CA ALA A 92 7.90 -1.46 -5.83
C ALA A 92 7.28 -2.85 -5.69
N ARG A 93 5.98 -2.98 -5.97
CA ARG A 93 5.37 -4.31 -5.97
C ARG A 93 6.08 -5.25 -6.94
N ASN A 94 6.34 -4.77 -8.17
CA ASN A 94 7.05 -5.60 -9.15
C ASN A 94 8.47 -5.88 -8.72
N ILE A 95 9.13 -4.89 -8.12
CA ILE A 95 10.51 -5.08 -7.67
C ILE A 95 10.56 -6.12 -6.56
N VAL A 96 9.60 -6.08 -5.64
CA VAL A 96 9.57 -7.06 -4.55
C VAL A 96 9.41 -8.46 -5.10
N ALA A 97 8.47 -8.64 -6.03
CA ALA A 97 8.23 -9.98 -6.58
C ALA A 97 9.44 -10.48 -7.33
N ALA A 98 10.12 -9.59 -8.07
CA ALA A 98 11.34 -9.97 -8.80
C ALA A 98 12.47 -10.33 -7.85
N MET A 99 12.67 -9.53 -6.80
CA MET A 99 13.69 -9.86 -5.81
C MET A 99 13.45 -11.23 -5.20
N LYS A 100 12.20 -11.52 -4.82
CA LYS A 100 11.92 -12.81 -4.21
C LYS A 100 12.16 -13.95 -5.19
N ALA A 101 11.84 -13.73 -6.46
CA ALA A 101 11.98 -14.83 -7.43
C ALA A 101 13.44 -15.09 -7.76
N HIS A 102 14.30 -14.07 -7.64
CA HIS A 102 15.69 -14.18 -8.02
C HIS A 102 16.64 -14.24 -6.85
N GLY A 103 16.11 -14.30 -5.63
CA GLY A 103 16.98 -14.47 -4.47
C GLY A 103 17.77 -13.24 -4.09
N VAL A 104 17.28 -12.05 -4.42
CA VAL A 104 17.89 -10.79 -4.00
C VAL A 104 17.20 -10.34 -2.73
N ASP A 105 17.98 -10.00 -1.71
CA ASP A 105 17.44 -9.67 -0.39
C ASP A 105 17.49 -8.18 -0.07
N LYS A 106 18.52 -7.47 -0.49
CA LYS A 106 18.78 -6.10 -0.05
C LYS A 106 18.16 -5.09 -1.00
N VAL A 107 17.27 -4.22 -0.48
CA VAL A 107 16.70 -3.14 -1.27
C VAL A 107 16.81 -1.85 -0.47
N VAL A 108 17.41 -0.83 -1.08
CA VAL A 108 17.56 0.50 -0.49
C VAL A 108 16.68 1.41 -1.34
N ALA A 109 15.60 1.92 -0.75
CA ALA A 109 14.58 2.62 -1.52
C ALA A 109 14.23 3.96 -0.91
N CYS A 110 14.10 4.97 -1.77
CA CYS A 110 13.89 6.35 -1.38
C CYS A 110 12.40 6.66 -1.44
N THR A 111 11.84 7.06 -0.29
CA THR A 111 10.53 7.68 -0.27
C THR A 111 10.69 9.16 0.10
N SER A 112 10.37 9.53 1.33
CA SER A 112 10.34 10.94 1.66
C SER A 112 10.21 11.11 3.17
N ALA A 113 10.85 12.17 3.68
CA ALA A 113 10.76 12.46 5.10
C ALA A 113 9.35 12.79 5.55
N PHE A 114 8.43 13.09 4.62
CA PHE A 114 7.05 13.30 5.05
C PHE A 114 6.46 12.06 5.71
N LEU A 115 7.03 10.87 5.48
CA LEU A 115 6.52 9.68 6.12
C LEU A 115 6.88 9.63 7.61
N LEU A 116 7.72 10.54 8.07
CA LEU A 116 8.00 10.73 9.49
C LEU A 116 7.21 11.89 10.08
N TRP A 117 6.36 12.53 9.27
CA TRP A 117 5.60 13.70 9.69
C TRP A 117 4.26 13.27 10.27
N ASP A 118 3.70 14.16 11.07
CA ASP A 118 2.27 14.15 11.33
C ASP A 118 1.58 14.21 9.98
N PRO A 119 0.86 13.16 9.56
CA PRO A 119 0.37 13.09 8.17
C PRO A 119 -0.52 14.25 7.79
N THR A 120 -1.14 14.92 8.76
CA THR A 120 -2.02 16.04 8.49
C THR A 120 -1.26 17.34 8.20
N LYS A 121 0.04 17.37 8.46
CA LYS A 121 0.84 18.57 8.25
C LYS A 121 1.57 18.58 6.90
N VAL A 122 1.41 17.54 6.09
CA VAL A 122 2.00 17.54 4.75
C VAL A 122 1.31 18.60 3.89
N PRO A 123 2.04 19.42 3.15
CA PRO A 123 1.41 20.42 2.29
C PRO A 123 0.42 19.77 1.33
N PRO A 124 -0.78 20.33 1.21
CA PRO A 124 -1.79 19.72 0.33
C PRO A 124 -1.29 19.46 -1.09
N ARG A 125 -0.44 20.32 -1.65
CA ARG A 125 -0.03 20.13 -3.02
C ARG A 125 0.86 18.90 -3.18
N LEU A 126 1.50 18.46 -2.10
CA LEU A 126 2.38 17.30 -2.09
C LEU A 126 1.70 16.03 -1.60
N GLN A 127 0.40 16.09 -1.30
CA GLN A 127 -0.24 14.97 -0.63
C GLN A 127 -0.42 13.77 -1.57
N ALA A 128 -0.69 14.04 -2.85
CA ALA A 128 -0.90 12.95 -3.80
C ALA A 128 0.37 12.12 -3.98
N VAL A 129 1.50 12.79 -4.15
CA VAL A 129 2.76 12.06 -4.31
C VAL A 129 3.13 11.38 -3.00
N THR A 130 2.96 12.08 -1.86
CA THR A 130 3.24 11.46 -0.57
C THR A 130 2.37 10.23 -0.34
N ASP A 131 1.10 10.29 -0.79
CA ASP A 131 0.22 9.12 -0.66
C ASP A 131 0.83 7.90 -1.33
N ASP A 132 1.50 8.08 -2.47
CA ASP A 132 2.08 6.90 -3.11
C ASP A 132 3.40 6.50 -2.45
N HIS A 133 4.14 7.45 -1.86
CA HIS A 133 5.29 7.07 -1.03
C HIS A 133 4.84 6.19 0.13
N ILE A 134 3.72 6.56 0.74
CA ILE A 134 3.16 5.76 1.83
C ILE A 134 2.82 4.36 1.33
N ARG A 135 2.14 4.27 0.18
CA ARG A 135 1.82 2.96 -0.37
C ARG A 135 3.09 2.17 -0.65
N MET A 136 4.10 2.83 -1.18
CA MET A 136 5.33 2.13 -1.54
C MET A 136 6.07 1.64 -0.32
N HIS A 137 6.16 2.47 0.72
CA HIS A 137 6.83 2.07 1.94
C HIS A 137 6.13 0.87 2.57
N LYS A 138 4.79 0.83 2.50
CA LYS A 138 4.08 -0.32 3.04
C LYS A 138 4.40 -1.60 2.27
N VAL A 139 4.45 -1.51 0.93
CA VAL A 139 4.83 -2.66 0.10
C VAL A 139 6.19 -3.20 0.53
N LEU A 140 7.17 -2.28 0.67
CA LEU A 140 8.52 -2.73 0.98
C LEU A 140 8.65 -3.24 2.42
N ARG A 141 7.97 -2.58 3.36
CA ARG A 141 8.05 -3.02 4.76
C ARG A 141 7.40 -4.39 4.94
N GLU A 142 6.29 -4.64 4.26
CA GLU A 142 5.60 -5.92 4.38
C GLU A 142 6.27 -7.05 3.60
N SER A 143 7.29 -6.75 2.79
CA SER A 143 7.88 -7.76 1.91
C SER A 143 8.75 -8.76 2.66
N GLY A 144 9.27 -8.39 3.84
CA GLY A 144 10.22 -9.25 4.52
C GLY A 144 11.62 -9.21 3.98
N LEU A 145 11.87 -8.44 2.92
CA LEU A 145 13.20 -8.25 2.39
C LEU A 145 14.02 -7.38 3.33
N LYS A 146 15.32 -7.33 3.10
CA LYS A 146 16.19 -6.48 3.92
C LYS A 146 16.10 -5.08 3.33
N TYR A 147 15.22 -4.27 3.90
CA TYR A 147 14.77 -3.01 3.32
C TYR A 147 15.31 -1.85 4.15
N VAL A 148 16.07 -0.96 3.50
CA VAL A 148 16.47 0.30 4.11
C VAL A 148 15.56 1.38 3.56
N ALA A 149 14.78 2.03 4.44
CA ALA A 149 13.82 3.05 4.05
C ALA A 149 14.47 4.42 4.15
N VAL A 150 14.89 4.97 3.01
CA VAL A 150 15.54 6.26 2.97
C VAL A 150 14.48 7.34 2.78
N MET A 151 14.40 8.28 3.72
CA MET A 151 13.31 9.27 3.77
C MET A 151 13.91 10.66 3.85
N PRO A 152 14.29 11.24 2.71
CA PRO A 152 15.05 12.48 2.73
C PRO A 152 14.14 13.68 2.85
N PRO A 153 14.68 14.78 3.35
CA PRO A 153 14.01 16.07 3.23
C PRO A 153 14.27 16.65 1.85
N HIS A 154 14.34 17.98 1.72
CA HIS A 154 14.52 18.56 0.40
C HIS A 154 15.84 18.12 -0.24
N ILE A 155 15.78 17.73 -1.51
CA ILE A 155 16.94 17.31 -2.26
C ILE A 155 17.46 18.53 -3.04
N GLY A 156 18.70 18.93 -2.73
CA GLY A 156 19.29 20.11 -3.31
C GLY A 156 20.44 19.80 -4.25
N ASP A 157 21.12 20.88 -4.67
CA ASP A 157 22.18 20.80 -5.67
C ASP A 157 23.56 21.06 -5.07
N GLN A 158 23.68 20.98 -3.74
CA GLN A 158 24.94 21.24 -3.05
C GLN A 158 25.92 20.10 -3.32
N PRO A 159 27.17 20.22 -2.86
CA PRO A 159 28.19 19.23 -3.22
C PRO A 159 28.00 17.88 -2.55
N LEU A 160 28.73 16.92 -3.09
CA LEU A 160 29.05 15.69 -2.38
C LEU A 160 29.99 16.01 -1.23
N THR A 161 29.61 15.62 -0.02
CA THR A 161 30.48 15.81 1.14
C THR A 161 30.82 14.52 1.86
N GLY A 162 29.92 13.53 1.85
CA GLY A 162 30.10 12.35 2.66
C GLY A 162 30.10 12.66 4.15
N ALA A 163 29.65 13.86 4.51
CA ALA A 163 29.76 14.34 5.89
C ALA A 163 28.40 14.58 6.52
N TYR A 164 27.33 14.12 5.87
CA TYR A 164 25.97 14.36 6.31
C TYR A 164 25.64 13.54 7.56
N THR A 165 24.59 13.99 8.25
CA THR A 165 24.01 13.27 9.37
C THR A 165 23.03 12.22 8.87
N VAL A 166 23.01 11.06 9.52
CA VAL A 166 22.00 10.03 9.25
C VAL A 166 21.21 9.85 10.54
N THR A 167 19.96 10.31 10.54
CA THR A 167 19.09 10.16 11.70
C THR A 167 18.22 8.91 11.55
N LEU A 168 18.23 8.06 12.58
CA LEU A 168 17.48 6.81 12.54
C LEU A 168 16.10 7.00 13.12
N ASP A 169 15.08 6.60 12.36
CA ASP A 169 13.72 6.47 12.87
C ASP A 169 13.19 7.80 13.44
N GLY A 170 13.51 8.90 12.76
CA GLY A 170 12.99 10.21 13.14
C GLY A 170 13.56 11.28 12.23
N ARG A 171 13.01 12.49 12.35
CA ARG A 171 13.50 13.62 11.57
C ARG A 171 14.84 14.09 12.10
N GLY A 172 15.70 14.55 11.18
CA GLY A 172 17.03 14.98 11.54
C GLY A 172 17.15 16.48 11.76
N PRO A 173 18.37 16.95 12.05
CA PRO A 173 18.52 18.36 12.48
C PRO A 173 18.56 19.38 11.36
N SER A 174 18.65 18.96 10.10
CA SER A 174 18.64 19.89 8.97
C SER A 174 17.54 19.47 8.02
N ARG A 175 17.16 20.39 7.14
CA ARG A 175 16.01 20.21 6.26
C ARG A 175 16.40 20.03 4.78
N VAL A 176 17.68 19.77 4.49
CA VAL A 176 18.15 19.58 3.12
C VAL A 176 19.18 18.46 3.09
N ILE A 177 19.25 17.76 1.95
CA ILE A 177 20.32 16.84 1.63
C ILE A 177 20.65 17.04 0.16
N SER A 178 21.95 17.13 -0.18
CA SER A 178 22.26 17.27 -1.60
C SER A 178 21.99 15.97 -2.34
N LYS A 179 21.62 16.09 -3.63
CA LYS A 179 21.41 14.90 -4.43
C LYS A 179 22.64 14.00 -4.44
N HIS A 180 23.85 14.61 -4.43
CA HIS A 180 25.06 13.80 -4.42
C HIS A 180 25.24 13.07 -3.09
N ASP A 181 25.00 13.77 -1.98
CA ASP A 181 25.08 13.10 -0.68
C ASP A 181 24.01 12.03 -0.52
N LEU A 182 22.80 12.27 -1.04
CA LEU A 182 21.75 11.24 -0.97
C LEU A 182 22.17 10.00 -1.74
N GLY A 183 22.73 10.18 -2.93
CA GLY A 183 23.24 9.05 -3.69
C GLY A 183 24.37 8.34 -2.97
N HIS A 184 25.30 9.11 -2.39
CA HIS A 184 26.37 8.55 -1.58
C HIS A 184 25.79 7.65 -0.49
N PHE A 185 24.73 8.13 0.17
CA PHE A 185 24.14 7.35 1.26
C PHE A 185 23.49 6.08 0.76
N MET A 186 22.72 6.16 -0.34
CA MET A 186 22.12 4.95 -0.90
C MET A 186 23.16 3.88 -1.11
N LEU A 187 24.33 4.25 -1.62
CA LEU A 187 25.39 3.28 -1.87
C LEU A 187 26.03 2.81 -0.56
N ARG A 188 26.17 3.73 0.40
CA ARG A 188 26.71 3.33 1.71
C ARG A 188 25.85 2.23 2.35
N CYS A 189 24.54 2.29 2.12
CA CYS A 189 23.65 1.30 2.71
C CYS A 189 23.88 -0.09 2.16
N LEU A 190 24.59 -0.20 1.03
CA LEU A 190 24.94 -1.50 0.48
C LEU A 190 26.05 -2.19 1.26
N THR A 191 26.86 -1.43 1.99
CA THR A 191 28.06 -1.98 2.63
C THR A 191 27.83 -2.33 4.10
N THR A 192 26.61 -2.18 4.61
CA THR A 192 26.36 -2.37 6.04
C THR A 192 24.94 -2.88 6.22
N ASP A 193 24.74 -3.66 7.28
CA ASP A 193 23.40 -4.10 7.62
C ASP A 193 22.75 -3.23 8.69
N GLU A 194 23.41 -2.15 9.12
CA GLU A 194 22.95 -1.47 10.33
C GLU A 194 21.63 -0.73 10.15
N TYR A 195 21.28 -0.35 8.91
CA TYR A 195 20.05 0.38 8.66
C TYR A 195 18.89 -0.52 8.21
N ASP A 196 19.13 -1.83 8.04
CA ASP A 196 18.07 -2.73 7.59
C ASP A 196 16.91 -2.70 8.58
N GLY A 197 15.70 -2.53 8.06
CA GLY A 197 14.51 -2.47 8.89
C GLY A 197 14.28 -1.14 9.57
N HIS A 198 15.12 -0.14 9.30
CA HIS A 198 14.99 1.19 9.88
C HIS A 198 14.56 2.18 8.82
N SER A 199 14.04 3.31 9.26
CA SER A 199 13.88 4.49 8.43
C SER A 199 15.09 5.38 8.66
N THR A 200 15.60 5.99 7.60
CA THR A 200 16.79 6.83 7.73
C THR A 200 16.54 8.18 7.09
N TYR A 201 16.96 9.24 7.76
CA TYR A 201 16.77 10.61 7.29
C TYR A 201 18.16 11.22 7.17
N PRO A 202 18.71 11.33 5.94
CA PRO A 202 19.99 12.01 5.76
C PRO A 202 19.79 13.49 5.58
N SER A 203 20.66 14.28 6.21
CA SER A 203 20.52 15.73 6.10
C SER A 203 21.85 16.36 6.42
N HIS A 204 22.03 17.61 5.97
CA HIS A 204 23.33 18.24 6.14
C HIS A 204 23.17 19.75 6.09
N GLN A 205 24.18 20.45 6.64
CA GLN A 205 24.31 21.90 6.57
C GLN A 205 25.51 22.18 5.66
N TYR A 206 25.25 22.76 4.48
CA TYR A 206 26.30 22.94 3.50
C TYR A 206 26.96 24.29 3.73
N GLN A 207 28.26 24.25 4.06
CA GLN A 207 28.98 25.45 4.46
C GLN A 207 30.49 25.28 4.29
N MET B 2 -31.86 -4.77 17.35
CA MET B 2 -31.04 -5.83 16.77
C MET B 2 -30.38 -6.68 17.86
N ALA B 3 -29.92 -7.88 17.48
CA ALA B 3 -29.20 -8.78 18.38
C ALA B 3 -28.37 -9.70 17.49
N VAL B 4 -27.20 -9.21 17.09
CA VAL B 4 -26.39 -9.88 16.08
C VAL B 4 -25.45 -10.86 16.76
N LYS B 5 -25.60 -12.14 16.42
CA LYS B 5 -24.72 -13.22 16.87
C LYS B 5 -24.06 -13.96 15.71
N LYS B 6 -24.77 -14.17 14.61
CA LYS B 6 -24.26 -14.88 13.45
C LYS B 6 -23.99 -13.89 12.33
N ILE B 7 -22.77 -13.90 11.79
CA ILE B 7 -22.41 -13.04 10.67
C ILE B 7 -21.69 -13.85 9.62
N ALA B 8 -21.88 -13.43 8.36
CA ALA B 8 -21.03 -13.85 7.26
C ALA B 8 -20.01 -12.77 6.97
N ILE B 9 -18.77 -13.20 6.69
CA ILE B 9 -17.71 -12.29 6.27
C ILE B 9 -17.32 -12.69 4.85
N PHE B 10 -17.40 -11.74 3.93
CA PHE B 10 -16.89 -11.92 2.57
C PHE B 10 -15.56 -11.19 2.47
N GLY B 11 -14.54 -11.87 1.92
CA GLY B 11 -13.22 -11.30 1.87
C GLY B 11 -12.40 -11.51 3.13
N ALA B 12 -12.63 -12.61 3.85
CA ALA B 12 -11.97 -12.85 5.13
C ALA B 12 -10.48 -13.13 4.99
N THR B 13 -9.99 -13.45 3.80
CA THR B 13 -8.59 -13.82 3.67
C THR B 13 -7.69 -12.65 3.28
N GLY B 14 -8.24 -11.46 3.07
CA GLY B 14 -7.44 -10.28 2.85
C GLY B 14 -6.87 -9.76 4.16
N GLN B 15 -6.10 -8.67 4.06
CA GLN B 15 -5.40 -8.16 5.25
C GLN B 15 -6.39 -7.67 6.30
N THR B 16 -7.41 -6.91 5.89
CA THR B 16 -8.40 -6.44 6.85
C THR B 16 -9.33 -7.56 7.29
N GLY B 17 -9.73 -8.41 6.34
CA GLY B 17 -10.64 -9.50 6.66
C GLY B 17 -10.06 -10.45 7.69
N LEU B 18 -8.76 -10.74 7.59
CA LEU B 18 -8.15 -11.68 8.52
C LEU B 18 -8.23 -11.19 9.96
N THR B 19 -7.96 -9.90 10.18
CA THR B 19 -8.04 -9.42 11.55
C THR B 19 -9.48 -9.17 11.99
N THR B 20 -10.37 -8.80 11.05
CA THR B 20 -11.80 -8.73 11.38
C THR B 20 -12.31 -10.09 11.81
N LEU B 21 -11.95 -11.13 11.04
CA LEU B 21 -12.33 -12.51 11.40
C LEU B 21 -11.81 -12.89 12.78
N ALA B 22 -10.50 -12.67 13.01
CA ALA B 22 -9.91 -13.00 14.30
C ALA B 22 -10.63 -12.29 15.44
N GLN B 23 -10.86 -10.99 15.29
CA GLN B 23 -11.51 -10.23 16.36
C GLN B 23 -12.95 -10.68 16.55
N ALA B 24 -13.64 -11.00 15.45
CA ALA B 24 -15.02 -11.45 15.54
C ALA B 24 -15.11 -12.77 16.31
N VAL B 25 -14.19 -13.70 16.02
CA VAL B 25 -14.19 -14.98 16.70
C VAL B 25 -13.89 -14.79 18.19
N GLN B 26 -12.87 -13.98 18.50
CA GLN B 26 -12.52 -13.70 19.89
C GLN B 26 -13.68 -13.08 20.66
N ALA B 27 -14.41 -12.18 20.02
CA ALA B 27 -15.54 -11.51 20.69
C ALA B 27 -16.73 -12.43 20.90
N GLY B 28 -16.81 -13.56 20.19
CA GLY B 28 -17.90 -14.51 20.39
C GLY B 28 -18.88 -14.61 19.24
N TYR B 29 -18.66 -13.90 18.14
CA TYR B 29 -19.53 -14.08 16.99
C TYR B 29 -19.40 -15.50 16.44
N GLU B 30 -20.51 -16.03 15.94
CA GLU B 30 -20.49 -17.27 15.16
C GLU B 30 -20.29 -16.85 13.70
N VAL B 31 -19.09 -17.04 13.19
CA VAL B 31 -18.69 -16.47 11.89
C VAL B 31 -18.74 -17.55 10.82
N THR B 32 -19.35 -17.23 9.68
CA THR B 32 -19.29 -18.02 8.46
C THR B 32 -18.48 -17.24 7.44
N VAL B 33 -17.53 -17.90 6.79
CA VAL B 33 -16.71 -17.26 5.76
C VAL B 33 -16.89 -18.01 4.45
N LEU B 34 -16.81 -17.26 3.35
CA LEU B 34 -16.78 -17.81 2.00
C LEU B 34 -15.37 -17.61 1.47
N VAL B 35 -14.66 -18.71 1.20
CA VAL B 35 -13.28 -18.63 0.72
C VAL B 35 -13.12 -19.56 -0.47
N ARG B 36 -12.20 -19.19 -1.36
CA ARG B 36 -11.91 -20.03 -2.52
C ARG B 36 -11.08 -21.24 -2.13
N ASP B 37 -10.20 -21.08 -1.15
CA ASP B 37 -9.29 -22.14 -0.73
C ASP B 37 -9.12 -22.00 0.77
N SER B 38 -9.59 -23.00 1.52
CA SER B 38 -9.52 -22.93 2.98
C SER B 38 -8.10 -22.99 3.52
N SER B 39 -7.11 -23.39 2.71
CA SER B 39 -5.73 -23.35 3.16
C SER B 39 -5.23 -21.94 3.38
N ARG B 40 -5.95 -20.94 2.85
CA ARG B 40 -5.60 -19.54 3.01
C ARG B 40 -6.03 -18.96 4.35
N LEU B 41 -6.80 -19.72 5.14
CA LEU B 41 -7.16 -19.37 6.50
C LEU B 41 -6.11 -19.92 7.47
N PRO B 42 -5.82 -19.21 8.55
CA PRO B 42 -4.76 -19.65 9.46
C PRO B 42 -5.11 -20.97 10.13
N SER B 43 -4.11 -21.85 10.21
CA SER B 43 -4.29 -23.14 10.85
C SER B 43 -4.43 -23.02 12.37
N GLU B 44 -4.02 -21.90 12.95
CA GLU B 44 -3.91 -21.73 14.40
C GLU B 44 -4.87 -20.63 14.87
N GLY B 45 -4.87 -20.40 16.18
CA GLY B 45 -5.59 -19.29 16.78
C GLY B 45 -7.08 -19.30 16.53
N PRO B 46 -7.69 -18.12 16.50
CA PRO B 46 -9.15 -18.03 16.32
C PRO B 46 -9.54 -18.49 14.92
N ARG B 47 -10.47 -19.44 14.86
CA ARG B 47 -10.98 -19.99 13.61
C ARG B 47 -12.48 -19.76 13.51
N PRO B 48 -13.00 -19.55 12.30
CA PRO B 48 -14.45 -19.35 12.13
C PRO B 48 -15.23 -20.61 12.42
N ALA B 49 -16.52 -20.43 12.70
CA ALA B 49 -17.39 -21.56 13.02
C ALA B 49 -17.79 -22.35 11.79
N HIS B 50 -17.87 -21.69 10.63
CA HIS B 50 -18.35 -22.31 9.40
C HIS B 50 -17.54 -21.77 8.23
N VAL B 51 -17.18 -22.66 7.31
CA VAL B 51 -16.40 -22.29 6.13
C VAL B 51 -17.13 -22.83 4.92
N VAL B 52 -17.53 -21.94 4.01
CA VAL B 52 -18.07 -22.33 2.71
C VAL B 52 -16.94 -22.16 1.70
N VAL B 53 -16.74 -23.17 0.87
CA VAL B 53 -15.72 -23.14 -0.17
C VAL B 53 -16.40 -22.73 -1.47
N GLY B 54 -15.96 -21.62 -2.04
CA GLY B 54 -16.61 -21.07 -3.20
C GLY B 54 -16.15 -19.64 -3.45
N ASP B 55 -16.98 -18.87 -4.14
CA ASP B 55 -16.62 -17.50 -4.42
C ASP B 55 -17.88 -16.67 -4.67
N VAL B 56 -17.72 -15.35 -4.57
CA VAL B 56 -18.85 -14.41 -4.52
C VAL B 56 -19.56 -14.26 -5.85
N LEU B 57 -18.98 -14.76 -6.94
CA LEU B 57 -19.62 -14.69 -8.25
C LEU B 57 -20.59 -15.84 -8.52
N GLN B 58 -20.66 -16.82 -7.63
CA GLN B 58 -21.66 -17.89 -7.73
C GLN B 58 -22.80 -17.58 -6.76
N ALA B 59 -24.00 -17.36 -7.30
CA ALA B 59 -25.12 -16.98 -6.46
C ALA B 59 -25.42 -18.04 -5.42
N ALA B 60 -25.15 -19.32 -5.74
CA ALA B 60 -25.47 -20.40 -4.81
C ALA B 60 -24.52 -20.39 -3.61
N ASP B 61 -23.22 -20.22 -3.87
CA ASP B 61 -22.26 -20.07 -2.77
C ASP B 61 -22.62 -18.88 -1.90
N VAL B 62 -23.04 -17.77 -2.52
CA VAL B 62 -23.40 -16.59 -1.74
C VAL B 62 -24.65 -16.85 -0.92
N ASP B 63 -25.64 -17.53 -1.53
CA ASP B 63 -26.85 -17.87 -0.78
C ASP B 63 -26.54 -18.79 0.40
N LYS B 64 -25.69 -19.79 0.18
CA LYS B 64 -25.29 -20.70 1.25
C LYS B 64 -24.59 -19.97 2.39
N THR B 65 -23.89 -18.87 2.08
CA THR B 65 -23.14 -18.12 3.09
C THR B 65 -24.06 -17.16 3.86
N VAL B 66 -25.04 -16.58 3.18
CA VAL B 66 -25.90 -15.59 3.80
C VAL B 66 -27.04 -16.23 4.59
N ALA B 67 -27.39 -17.47 4.26
CA ALA B 67 -28.49 -18.15 4.93
C ALA B 67 -28.23 -18.22 6.44
N GLY B 68 -29.23 -17.83 7.22
CA GLY B 68 -29.16 -17.96 8.67
C GLY B 68 -28.39 -16.88 9.39
N GLN B 69 -27.88 -15.87 8.71
CA GLN B 69 -27.06 -14.86 9.35
C GLN B 69 -27.92 -13.72 9.91
N ASP B 70 -27.35 -13.00 10.86
CA ASP B 70 -27.95 -11.79 11.38
C ASP B 70 -27.44 -10.53 10.67
N ALA B 71 -26.21 -10.56 10.15
CA ALA B 71 -25.66 -9.41 9.45
C ALA B 71 -24.55 -9.92 8.53
N VAL B 72 -24.12 -9.04 7.62
CA VAL B 72 -23.10 -9.35 6.63
C VAL B 72 -22.02 -8.28 6.67
N ILE B 73 -20.76 -8.71 6.65
CA ILE B 73 -19.62 -7.81 6.55
C ILE B 73 -18.96 -8.09 5.19
N VAL B 74 -18.75 -7.03 4.41
CA VAL B 74 -18.26 -7.17 3.05
C VAL B 74 -16.90 -6.48 2.98
N LEU B 75 -15.85 -7.27 2.74
CA LEU B 75 -14.48 -6.79 2.63
C LEU B 75 -13.87 -7.27 1.33
N LEU B 76 -14.62 -7.11 0.24
CA LEU B 76 -14.18 -7.56 -1.06
C LEU B 76 -13.14 -6.61 -1.64
N GLY B 77 -12.22 -7.16 -2.39
CA GLY B 77 -11.19 -6.36 -3.04
C GLY B 77 -10.74 -7.03 -4.31
N THR B 78 -10.43 -6.20 -5.31
CA THR B 78 -9.80 -6.63 -6.55
C THR B 78 -8.78 -5.59 -7.02
N ARG B 79 -8.12 -4.90 -6.09
CA ARG B 79 -7.20 -3.83 -6.49
C ARG B 79 -5.99 -4.34 -7.28
N ASN B 80 -5.91 -5.64 -7.55
CA ASN B 80 -5.03 -6.13 -8.60
C ASN B 80 -5.43 -5.55 -9.95
N ASP B 81 -6.73 -5.31 -10.14
CA ASP B 81 -7.28 -4.96 -11.45
C ASP B 81 -6.91 -3.55 -11.85
N LEU B 82 -6.44 -3.41 -13.09
CA LEU B 82 -5.94 -2.14 -13.61
C LEU B 82 -6.90 -1.48 -14.58
N SER B 83 -7.96 -2.17 -15.00
CA SER B 83 -8.80 -1.78 -16.11
C SER B 83 -10.20 -2.24 -15.75
N PRO B 84 -11.26 -1.79 -16.46
CA PRO B 84 -12.63 -2.04 -16.00
C PRO B 84 -12.90 -3.44 -15.48
N THR B 85 -13.54 -3.51 -14.33
CA THR B 85 -13.80 -4.75 -13.62
C THR B 85 -15.11 -4.61 -12.87
N THR B 86 -15.86 -5.72 -12.77
CA THR B 86 -17.15 -5.70 -12.08
C THR B 86 -17.25 -6.81 -11.04
N VAL B 87 -16.14 -7.36 -10.57
CA VAL B 87 -16.21 -8.45 -9.59
C VAL B 87 -16.88 -7.98 -8.30
N MET B 88 -16.52 -6.80 -7.81
CA MET B 88 -17.07 -6.34 -6.53
C MET B 88 -18.55 -6.01 -6.65
N SER B 89 -18.93 -5.25 -7.68
CA SER B 89 -20.33 -4.87 -7.81
C SER B 89 -21.21 -6.07 -8.16
N GLU B 90 -20.69 -7.01 -8.98
CA GLU B 90 -21.45 -8.23 -9.24
C GLU B 90 -21.58 -9.07 -7.97
N GLY B 91 -20.52 -9.12 -7.17
CA GLY B 91 -20.61 -9.81 -5.89
C GLY B 91 -21.63 -9.20 -4.96
N ALA B 92 -21.65 -7.86 -4.86
CA ALA B 92 -22.63 -7.19 -4.02
C ALA B 92 -24.05 -7.45 -4.50
N ARG B 93 -24.25 -7.53 -5.83
CA ARG B 93 -25.57 -7.87 -6.32
C ARG B 93 -26.00 -9.26 -5.84
N ASN B 94 -25.09 -10.23 -5.89
CA ASN B 94 -25.42 -11.56 -5.37
C ASN B 94 -25.69 -11.51 -3.87
N ILE B 95 -24.90 -10.73 -3.13
CA ILE B 95 -25.08 -10.64 -1.68
C ILE B 95 -26.42 -10.00 -1.36
N VAL B 96 -26.79 -8.95 -2.09
CA VAL B 96 -28.05 -8.26 -1.83
C VAL B 96 -29.23 -9.19 -2.11
N ALA B 97 -29.16 -9.92 -3.21
CA ALA B 97 -30.23 -10.87 -3.54
C ALA B 97 -30.37 -11.95 -2.46
N ALA B 98 -29.24 -12.42 -1.92
CA ALA B 98 -29.30 -13.48 -0.90
C ALA B 98 -29.84 -12.95 0.41
N MET B 99 -29.40 -11.75 0.81
CA MET B 99 -29.93 -11.15 2.03
C MET B 99 -31.44 -10.95 1.93
N LYS B 100 -31.93 -10.51 0.77
CA LYS B 100 -33.37 -10.32 0.61
C LYS B 100 -34.11 -11.66 0.67
N ALA B 101 -33.54 -12.71 0.07
CA ALA B 101 -34.20 -14.01 0.07
C ALA B 101 -34.26 -14.62 1.47
N HIS B 102 -33.26 -14.37 2.31
CA HIS B 102 -33.18 -15.00 3.62
C HIS B 102 -33.56 -14.05 4.76
N GLY B 103 -34.04 -12.86 4.45
CA GLY B 103 -34.46 -11.92 5.49
C GLY B 103 -33.35 -11.33 6.33
N VAL B 104 -32.15 -11.14 5.76
CA VAL B 104 -31.04 -10.50 6.45
C VAL B 104 -31.04 -9.03 6.08
N ASP B 105 -31.02 -8.15 7.09
CA ASP B 105 -31.28 -6.74 6.88
C ASP B 105 -30.07 -5.82 7.01
N LYS B 106 -28.97 -6.29 7.60
CA LYS B 106 -27.85 -5.43 7.99
C LYS B 106 -26.60 -5.80 7.20
N VAL B 107 -26.04 -4.84 6.46
CA VAL B 107 -24.81 -5.05 5.72
C VAL B 107 -23.83 -3.93 6.02
N VAL B 108 -22.60 -4.31 6.36
CA VAL B 108 -21.52 -3.37 6.59
C VAL B 108 -20.46 -3.66 5.54
N ALA B 109 -20.25 -2.72 4.62
CA ALA B 109 -19.38 -2.95 3.48
C ALA B 109 -18.31 -1.88 3.40
N CYS B 110 -17.09 -2.30 3.06
CA CYS B 110 -15.97 -1.39 2.99
C CYS B 110 -15.66 -1.11 1.52
N THR B 111 -15.59 0.19 1.18
CA THR B 111 -15.12 0.61 -0.13
C THR B 111 -13.83 1.38 0.08
N SER B 112 -13.88 2.71 -0.06
CA SER B 112 -12.67 3.51 0.00
C SER B 112 -13.03 4.98 0.20
N ALA B 113 -12.18 5.69 0.94
CA ALA B 113 -12.38 7.12 1.12
C ALA B 113 -12.26 7.92 -0.18
N PHE B 114 -11.81 7.30 -1.28
CA PHE B 114 -11.85 7.97 -2.58
C PHE B 114 -13.27 8.40 -2.92
N LEU B 115 -14.26 7.68 -2.41
CA LEU B 115 -15.65 8.03 -2.66
C LEU B 115 -16.07 9.33 -1.97
N LEU B 116 -15.22 9.90 -1.12
CA LEU B 116 -15.49 11.18 -0.48
C LEU B 116 -14.56 12.30 -0.97
N TRP B 117 -13.80 12.06 -2.04
CA TRP B 117 -12.88 13.04 -2.59
C TRP B 117 -13.34 13.44 -3.98
N ASP B 118 -12.81 14.57 -4.46
CA ASP B 118 -13.01 14.90 -5.87
C ASP B 118 -12.43 13.77 -6.73
N PRO B 119 -13.13 13.37 -7.80
CA PRO B 119 -12.63 12.25 -8.61
C PRO B 119 -11.23 12.45 -9.17
N THR B 120 -10.76 13.69 -9.35
CA THR B 120 -9.39 13.91 -9.80
C THR B 120 -8.34 13.50 -8.77
N LYS B 121 -8.74 13.10 -7.56
CA LYS B 121 -7.78 12.60 -6.58
C LYS B 121 -7.37 11.16 -6.85
N VAL B 122 -8.09 10.45 -7.70
CA VAL B 122 -7.85 9.01 -7.88
C VAL B 122 -6.71 8.83 -8.88
N PRO B 123 -5.66 8.10 -8.51
CA PRO B 123 -4.61 7.78 -9.48
C PRO B 123 -5.18 7.03 -10.68
N PRO B 124 -4.69 7.33 -11.88
CA PRO B 124 -5.28 6.75 -13.10
C PRO B 124 -5.39 5.22 -13.08
N ARG B 125 -4.38 4.50 -12.59
CA ARG B 125 -4.42 3.04 -12.59
C ARG B 125 -5.31 2.46 -11.49
N LEU B 126 -5.86 3.31 -10.61
CA LEU B 126 -6.83 2.88 -9.62
C LEU B 126 -8.24 3.29 -9.99
N GLN B 127 -8.44 3.92 -11.15
CA GLN B 127 -9.78 4.40 -11.45
C GLN B 127 -10.75 3.25 -11.71
N ALA B 128 -10.29 2.16 -12.32
CA ALA B 128 -11.18 1.05 -12.60
C ALA B 128 -11.71 0.43 -11.31
N VAL B 129 -10.83 0.17 -10.34
CA VAL B 129 -11.31 -0.42 -9.09
C VAL B 129 -12.18 0.58 -8.34
N THR B 130 -11.81 1.86 -8.36
CA THR B 130 -12.63 2.87 -7.70
C THR B 130 -14.01 2.99 -8.36
N ASP B 131 -14.05 2.90 -9.69
CA ASP B 131 -15.33 2.91 -10.40
C ASP B 131 -16.23 1.77 -9.95
N ASP B 132 -15.64 0.60 -9.66
CA ASP B 132 -16.49 -0.51 -9.24
C ASP B 132 -16.86 -0.40 -7.77
N HIS B 133 -16.01 0.23 -6.96
CA HIS B 133 -16.40 0.58 -5.59
C HIS B 133 -17.66 1.44 -5.60
N ILE B 134 -17.68 2.43 -6.48
CA ILE B 134 -18.85 3.29 -6.64
C ILE B 134 -20.06 2.46 -7.05
N ARG B 135 -19.88 1.56 -8.03
CA ARG B 135 -20.99 0.70 -8.45
C ARG B 135 -21.46 -0.17 -7.29
N MET B 136 -20.53 -0.71 -6.51
CA MET B 136 -20.94 -1.54 -5.39
C MET B 136 -21.67 -0.71 -4.34
N HIS B 137 -21.18 0.51 -4.09
CA HIS B 137 -21.85 1.40 -3.13
C HIS B 137 -23.28 1.71 -3.56
N LYS B 138 -23.49 1.93 -4.86
CA LYS B 138 -24.84 2.24 -5.32
C LYS B 138 -25.75 1.03 -5.27
N VAL B 139 -25.22 -0.15 -5.61
CA VAL B 139 -25.97 -1.39 -5.44
C VAL B 139 -26.45 -1.54 -4.00
N LEU B 140 -25.59 -1.21 -3.04
CA LEU B 140 -25.98 -1.31 -1.63
C LEU B 140 -26.83 -0.13 -1.19
N ARG B 141 -26.58 1.08 -1.71
CA ARG B 141 -27.44 2.21 -1.34
C ARG B 141 -28.85 2.04 -1.88
N GLU B 142 -28.98 1.50 -3.11
CA GLU B 142 -30.28 1.21 -3.72
C GLU B 142 -30.95 -0.02 -3.11
N SER B 143 -30.33 -0.61 -2.10
CA SER B 143 -30.75 -1.92 -1.62
C SER B 143 -32.05 -1.85 -0.83
N GLY B 144 -32.26 -0.76 -0.09
CA GLY B 144 -33.26 -0.74 0.95
C GLY B 144 -32.87 -1.50 2.20
N LEU B 145 -31.74 -2.22 2.18
CA LEU B 145 -31.21 -2.84 3.39
C LEU B 145 -30.52 -1.80 4.26
N LYS B 146 -30.42 -2.10 5.55
CA LYS B 146 -29.72 -1.20 6.47
C LYS B 146 -28.23 -1.31 6.18
N TYR B 147 -27.67 -0.25 5.59
CA TYR B 147 -26.36 -0.30 4.99
C TYR B 147 -25.47 0.75 5.64
N VAL B 148 -24.37 0.31 6.24
CA VAL B 148 -23.32 1.21 6.70
C VAL B 148 -22.20 1.16 5.68
N ALA B 149 -21.92 2.30 5.05
CA ALA B 149 -20.83 2.44 4.09
C ALA B 149 -19.57 2.86 4.83
N VAL B 150 -18.57 1.98 4.86
CA VAL B 150 -17.30 2.27 5.52
C VAL B 150 -16.30 2.63 4.43
N MET B 151 -15.76 3.84 4.50
CA MET B 151 -14.91 4.40 3.45
C MET B 151 -13.60 4.85 4.07
N PRO B 152 -12.65 3.94 4.22
CA PRO B 152 -11.43 4.25 4.97
C PRO B 152 -10.38 4.93 4.10
N PRO B 153 -9.49 5.71 4.72
CA PRO B 153 -8.32 6.23 4.00
C PRO B 153 -7.23 5.18 3.91
N HIS B 154 -5.95 5.55 3.95
CA HIS B 154 -4.92 4.53 3.94
CA HIS B 154 -4.84 4.59 4.01
C HIS B 154 -5.11 3.56 5.11
N ILE B 155 -4.94 2.28 4.81
CA ILE B 155 -5.06 1.21 5.80
C ILE B 155 -3.65 0.79 6.23
N GLY B 156 -3.31 1.04 7.50
CA GLY B 156 -1.99 0.74 8.02
C GLY B 156 -1.94 -0.54 8.83
N ASP B 157 -0.76 -0.81 9.40
CA ASP B 157 -0.52 -2.02 10.18
C ASP B 157 -0.29 -1.72 11.66
N GLN B 158 -0.73 -0.56 12.14
CA GLN B 158 -0.54 -0.21 13.53
C GLN B 158 -1.40 -1.12 14.42
N PRO B 159 -1.02 -1.29 15.69
CA PRO B 159 -1.79 -2.16 16.58
C PRO B 159 -3.18 -1.61 16.87
N LEU B 160 -4.05 -2.52 17.30
CA LEU B 160 -5.41 -2.15 17.68
C LEU B 160 -5.41 -1.15 18.82
N THR B 161 -6.23 -0.12 18.69
CA THR B 161 -6.39 0.89 19.73
C THR B 161 -7.83 1.04 20.21
N GLY B 162 -8.82 0.86 19.35
CA GLY B 162 -10.21 1.10 19.72
C GLY B 162 -10.51 2.56 20.00
N ALA B 163 -9.58 3.45 19.64
CA ALA B 163 -9.68 4.86 20.01
C ALA B 163 -9.77 5.78 18.79
N TYR B 164 -9.93 5.23 17.60
CA TYR B 164 -10.09 6.03 16.38
C TYR B 164 -11.35 6.91 16.46
N THR B 165 -11.40 7.90 15.58
CA THR B 165 -12.58 8.72 15.39
C THR B 165 -13.37 8.25 14.17
N VAL B 166 -14.68 8.49 14.19
CA VAL B 166 -15.56 8.15 13.08
C VAL B 166 -16.26 9.42 12.62
N THR B 167 -16.03 9.79 11.36
CA THR B 167 -16.65 10.98 10.79
C THR B 167 -17.79 10.56 9.86
N LEU B 168 -18.88 11.30 9.95
CA LEU B 168 -20.12 10.94 9.27
C LEU B 168 -20.29 11.81 8.03
N ASP B 169 -20.43 11.16 6.86
CA ASP B 169 -20.78 11.83 5.61
C ASP B 169 -19.76 12.89 5.24
N GLY B 170 -18.49 12.56 5.44
CA GLY B 170 -17.41 13.48 5.12
C GLY B 170 -16.10 12.92 5.62
N ARG B 171 -15.02 13.57 5.20
CA ARG B 171 -13.69 13.18 5.62
C ARG B 171 -13.39 13.68 7.03
N GLY B 172 -12.59 12.91 7.75
CA GLY B 172 -12.20 13.24 9.10
C GLY B 172 -10.85 13.92 9.15
N PRO B 173 -10.35 14.15 10.37
CA PRO B 173 -9.10 14.91 10.49
C PRO B 173 -7.86 14.14 10.08
N SER B 174 -7.81 12.84 10.34
CA SER B 174 -6.64 12.03 10.05
C SER B 174 -6.81 11.30 8.71
N ARG B 175 -5.70 10.75 8.21
CA ARG B 175 -5.69 10.12 6.89
C ARG B 175 -5.18 8.68 6.94
N VAL B 176 -5.25 8.02 8.09
CA VAL B 176 -4.85 6.62 8.20
C VAL B 176 -5.75 5.93 9.21
N ILE B 177 -5.99 4.63 8.99
CA ILE B 177 -6.67 3.76 9.94
C ILE B 177 -5.94 2.43 9.95
N SER B 178 -5.62 1.93 11.14
CA SER B 178 -5.02 0.60 11.26
C SER B 178 -6.00 -0.46 10.76
N LYS B 179 -5.47 -1.50 10.12
CA LYS B 179 -6.34 -2.60 9.70
C LYS B 179 -7.03 -3.24 10.89
N HIS B 180 -6.41 -3.19 12.07
CA HIS B 180 -7.04 -3.73 13.28
C HIS B 180 -8.14 -2.83 13.79
N ASP B 181 -7.92 -1.51 13.80
CA ASP B 181 -8.99 -0.58 14.17
C ASP B 181 -10.13 -0.60 13.16
N LEU B 182 -9.82 -0.78 11.88
CA LEU B 182 -10.85 -0.87 10.85
C LEU B 182 -11.75 -2.09 11.08
N GLY B 183 -11.14 -3.24 11.36
CA GLY B 183 -11.93 -4.41 11.68
C GLY B 183 -12.77 -4.21 12.94
N HIS B 184 -12.18 -3.59 13.95
CA HIS B 184 -12.90 -3.23 15.17
C HIS B 184 -14.13 -2.39 14.86
N PHE B 185 -13.99 -1.43 13.94
CA PHE B 185 -15.12 -0.56 13.65
C PHE B 185 -16.22 -1.30 12.88
N MET B 186 -15.85 -2.14 11.91
CA MET B 186 -16.86 -2.95 11.21
C MET B 186 -17.68 -3.76 12.21
N LEU B 187 -17.02 -4.30 13.24
CA LEU B 187 -17.75 -5.06 14.25
C LEU B 187 -18.61 -4.17 15.12
N ARG B 188 -18.11 -2.98 15.49
CA ARG B 188 -18.92 -2.02 16.24
C ARG B 188 -20.19 -1.67 15.49
N CYS B 189 -20.12 -1.57 14.16
CA CYS B 189 -21.31 -1.24 13.38
C CYS B 189 -22.41 -2.29 13.53
N LEU B 190 -22.08 -3.49 13.99
CA LEU B 190 -23.07 -4.53 14.23
C LEU B 190 -23.85 -4.32 15.52
N THR B 191 -23.38 -3.43 16.39
CA THR B 191 -23.98 -3.27 17.71
C THR B 191 -24.84 -2.01 17.82
N THR B 192 -25.10 -1.31 16.72
CA THR B 192 -25.82 -0.05 16.80
C THR B 192 -26.47 0.28 15.46
N ASP B 193 -27.50 1.12 15.53
CA ASP B 193 -28.24 1.63 14.39
C ASP B 193 -27.70 2.96 13.87
N GLU B 194 -26.84 3.63 14.63
CA GLU B 194 -26.59 5.06 14.39
C GLU B 194 -25.88 5.33 13.07
N TYR B 195 -25.20 4.33 12.51
CA TYR B 195 -24.49 4.54 11.25
C TYR B 195 -25.28 4.11 10.03
N ASP B 196 -26.43 3.45 10.22
CA ASP B 196 -27.22 2.97 9.09
C ASP B 196 -27.59 4.10 8.15
N GLY B 197 -27.50 3.82 6.85
CA GLY B 197 -27.79 4.82 5.83
C GLY B 197 -26.78 5.95 5.75
N HIS B 198 -25.61 5.78 6.36
CA HIS B 198 -24.58 6.81 6.39
C HIS B 198 -23.29 6.30 5.75
N SER B 199 -22.47 7.25 5.32
CA SER B 199 -21.08 6.95 5.02
C SER B 199 -20.24 7.22 6.26
N THR B 200 -19.23 6.37 6.49
CA THR B 200 -18.41 6.47 7.69
C THR B 200 -16.95 6.45 7.31
N TYR B 201 -16.17 7.31 7.98
CA TYR B 201 -14.75 7.51 7.68
C TYR B 201 -14.02 7.30 9.00
N PRO B 202 -13.52 6.10 9.26
CA PRO B 202 -12.71 5.87 10.46
C PRO B 202 -11.27 6.30 10.23
N SER B 203 -10.72 7.02 11.22
CA SER B 203 -9.36 7.52 11.11
C SER B 203 -8.82 7.80 12.51
N HIS B 204 -7.49 7.84 12.60
CA HIS B 204 -6.83 7.98 13.88
C HIS B 204 -5.41 8.42 13.64
N GLN B 205 -4.83 9.09 14.65
CA GLN B 205 -3.41 9.42 14.63
CA GLN B 205 -3.41 9.45 14.65
C GLN B 205 -2.69 8.48 15.58
N TYR B 206 -1.75 7.72 15.02
CA TYR B 206 -1.05 6.67 15.75
C TYR B 206 0.29 7.20 16.23
N GLN B 207 0.38 7.44 17.54
CA GLN B 207 1.56 8.01 18.17
C GLN B 207 2.83 7.23 17.87
PA NAP C . 13.23 12.17 -10.29
O1A NAP C . 11.73 12.48 -10.21
O2A NAP C . 14.13 13.28 -10.85
O5B NAP C . 13.46 10.84 -11.23
C5B NAP C . 12.54 9.80 -11.12
C4B NAP C . 13.14 8.53 -11.77
O4B NAP C . 12.19 7.57 -11.79
C3B NAP C . 13.52 8.85 -13.24
O3B NAP C . 14.68 8.24 -13.60
C2B NAP C . 12.31 8.21 -13.96
O2B NAP C . 12.62 7.89 -15.38
C1B NAP C . 12.08 7.08 -13.28
N9A NAP C . 10.74 6.64 -13.55
C8A NAP C . 9.55 7.26 -13.40
N7A NAP C . 8.57 6.43 -13.86
C5A NAP C . 9.18 5.31 -14.31
C6A NAP C . 8.64 4.18 -14.86
N6A NAP C . 7.32 3.82 -15.16
N1A NAP C . 9.45 3.16 -15.23
C2A NAP C . 10.80 3.24 -15.07
N3A NAP C . 11.32 4.37 -14.48
C4A NAP C . 10.51 5.42 -14.12
O3 NAP C . 13.76 11.61 -8.82
PN NAP C . 14.48 12.49 -7.65
O1N NAP C . 14.31 13.96 -7.85
O2N NAP C . 15.90 12.04 -7.60
O5D NAP C . 13.64 12.04 -6.31
C5D NAP C . 13.71 10.67 -5.96
C4D NAP C . 12.61 10.38 -4.91
O4D NAP C . 12.75 11.25 -3.92
C3D NAP C . 11.22 10.65 -5.50
O3D NAP C . 10.35 9.66 -5.19
C2D NAP C . 10.80 11.98 -4.79
O2D NAP C . 9.34 12.06 -4.75
C1D NAP C . 11.33 11.87 -3.59
N1N NAP C . 11.64 13.12 -2.88
C2N NAP C . 12.08 14.20 -3.56
C3N NAP C . 12.39 15.36 -2.83
C7N NAP C . 12.86 16.60 -3.51
O7N NAP C . 12.90 16.69 -4.71
N7N NAP C . 13.27 17.70 -2.65
C4N NAP C . 12.29 15.39 -1.48
C5N NAP C . 11.87 14.30 -0.79
C6N NAP C . 11.55 13.14 -1.52
P2B NAP C . 12.52 9.01 -16.62
O1X NAP C . 13.89 9.61 -16.75
O2X NAP C . 12.16 8.17 -17.81
O3X NAP C . 11.52 10.09 -16.28
C1 A80 D . 9.40 19.11 -4.08
C2 A80 D . 9.23 18.75 -5.52
C3 A80 D . 8.08 17.80 -5.77
C4 A80 D . 8.18 16.56 -4.96
C5 A80 D . 8.61 16.74 -3.46
C6 A80 D . 8.41 15.71 -2.55
C7 A80 D . 8.79 15.90 -1.22
C8 A80 D . 9.38 17.10 -0.80
C9 A80 D . 9.57 18.14 -1.71
C10 A80 D . 9.19 17.96 -3.04
N11 A80 D . 9.74 17.23 0.60
C12 A80 D . 10.66 18.20 1.19
C13 A80 D . 10.87 18.13 2.71
C14 A80 D . 10.23 17.14 3.45
C15 A80 D . 10.42 17.07 4.81
C16 A80 D . 11.25 18.00 5.44
C17 A80 D . 11.89 18.98 4.71
C18 A80 D . 11.70 19.04 3.33
C19 A80 D . 11.47 17.91 6.96
C20 A80 D . 10.80 19.69 -3.88
C21 A80 D . 8.40 20.22 -3.71
C22 A80 D . 6.82 15.86 -4.97
C23 A80 D . 9.23 15.67 -5.62
O24 A80 D . 11.25 19.01 0.55
O25 A80 D . 11.19 16.84 7.57
O26 A80 D . 11.92 18.89 7.61
S SO4 E . 18.21 23.97 7.40
O1 SO4 E . 17.93 22.55 7.31
O2 SO4 E . 19.26 24.31 6.44
O3 SO4 E . 17.01 24.74 7.09
O4 SO4 E . 18.67 24.29 8.75
PA NAP F . -7.59 -7.46 0.03
O1A NAP F . -7.17 -7.25 -1.45
O2A NAP F . -6.34 -7.60 0.91
O5B NAP F . -8.50 -8.86 0.14
C5B NAP F . -9.24 -9.29 -0.98
C4B NAP F . -10.41 -10.20 -0.49
O4B NAP F . -11.41 -10.13 -1.34
C3B NAP F . -9.94 -11.69 -0.47
O3B NAP F . -10.12 -12.21 0.76
C2B NAP F . -10.81 -12.41 -1.51
O2B NAP F . -11.22 -13.79 -1.05
C1B NAP F . -11.88 -11.65 -1.69
N9A NAP F . -12.26 -11.74 -3.05
C8A NAP F . -11.92 -11.08 -4.17
N7A NAP F . -12.62 -11.62 -5.20
C5A NAP F . -13.41 -12.60 -4.72
C6A NAP F . -14.31 -13.46 -5.33
N6A NAP F . -14.75 -13.62 -6.67
N1A NAP F . -14.97 -14.37 -4.62
C2A NAP F . -14.76 -14.46 -3.28
N3A NAP F . -13.87 -13.62 -2.66
C4A NAP F . -13.20 -12.69 -3.40
O3 NAP F . -8.55 -6.17 0.55
PN NAP F . -8.16 -5.09 1.76
O1N NAP F . -6.94 -4.33 1.38
O2N NAP F . -7.90 -5.83 3.03
O5D NAP F . -9.42 -4.03 2.00
C5D NAP F . -10.74 -4.40 1.62
C4D NAP F . -11.36 -3.23 0.80
O4D NAP F . -10.97 -2.07 1.31
C3D NAP F . -10.82 -3.27 -0.64
O3D NAP F . -11.85 -3.19 -1.52
C2D NAP F . -9.90 -2.01 -0.74
O2D NAP F . -9.91 -1.46 -2.12
C1D NAP F . -10.44 -1.16 0.09
N1N NAP F . -9.50 -0.14 0.52
C2N NAP F . -8.17 -0.40 0.63
C3N NAP F . -7.30 0.62 1.06
C7N NAP F . -5.83 0.33 1.20
O7N NAP F . -5.11 1.13 1.71
N7N NAP F . -5.27 -0.94 0.71
C4N NAP F . -7.77 1.85 1.36
C5N NAP F . -9.08 2.12 1.24
C6N NAP F . -9.95 1.11 0.82
P2B NAP F . -10.42 -15.09 -1.74
O1X NAP F . -8.97 -14.73 -1.84
O2X NAP F . -10.94 -15.34 -3.14
O3X NAP F . -10.60 -16.35 -0.89
S SO4 G . 1.27 2.37 7.50
O1 SO4 G . 1.09 1.31 8.48
O2 SO4 G . 1.14 1.84 6.15
O3 SO4 G . 2.60 2.96 7.67
O4 SO4 G . 0.26 3.40 7.71
S SO4 H . -26.25 6.76 -11.26
O1 SO4 H . -25.57 7.37 -12.40
O2 SO4 H . -26.12 5.30 -11.33
O3 SO4 H . -27.67 7.11 -11.29
O4 SO4 H . -25.67 7.24 -10.02
S SO4 I . -30.36 -12.58 23.72
O1 SO4 I . -28.98 -12.92 23.41
O2 SO4 I . -31.14 -13.80 23.87
O3 SO4 I . -30.38 -11.82 24.96
O4 SO4 I . -30.93 -11.77 22.65
S SO4 J . -21.24 -9.89 20.98
O1 SO4 J . -19.90 -9.50 20.55
O2 SO4 J . -21.70 -11.06 20.23
O3 SO4 J . -22.16 -8.79 20.74
O4 SO4 J . -21.21 -10.19 22.41
S SO4 K . -4.63 3.99 -0.39
O1 SO4 K . -3.82 3.28 0.60
O2 SO4 K . -4.84 3.12 -1.54
O3 SO4 K . -5.93 4.34 0.20
O4 SO4 K . -3.94 5.20 -0.80
#